data_6W10
#
_entry.id   6W10
#
_cell.length_a   65.579
_cell.length_b   85.338
_cell.length_c   99.465
_cell.angle_alpha   90.000
_cell.angle_beta   90.000
_cell.angle_gamma   90.000
#
_symmetry.space_group_name_H-M   'P 21 21 21'
#
loop_
_entity.id
_entity.type
_entity.pdbx_description
1 polymer 'Three-prime repair exonuclease 1'
2 water water
#
_entity_poly.entity_id   1
_entity_poly.type   'polypeptide(L)'
_entity_poly.pdbx_seq_one_letter_code
;SMGSQTLPHGHMQTLIFLDLEATGLPSSRPEVTELCLLAVHRRALENTSISQGHPPPVPRPPRVVDKLSLCIAPGKACSP
GASEITGLSKAELEVQGRQRFDDNLAILLRAFLQRQPQPCCLVAHNGDRYDFPLLQTELARLSTPSPLDGTFCVDSIAAL
KALEQASSPSGNGSRKSYSLGSIYTRLYWQAPTDSHTAKGDVLTLLSICQWKPQALLQWVDEHARPFSTVKPMYGTPATT
GTT
;
_entity_poly.pdbx_strand_id   A,B
#
# COMPACT_ATOMS: atom_id res chain seq x y z
N THR A 6 -21.00 -25.92 -13.19
CA THR A 6 -20.13 -24.85 -13.66
C THR A 6 -19.78 -23.85 -12.55
N LEU A 7 -18.73 -23.07 -12.80
CA LEU A 7 -18.23 -22.12 -11.81
C LEU A 7 -19.30 -21.07 -11.51
N PRO A 8 -19.52 -20.72 -10.25
CA PRO A 8 -20.62 -19.78 -9.95
C PRO A 8 -20.42 -18.42 -10.61
N HIS A 9 -19.17 -17.94 -10.68
CA HIS A 9 -18.93 -16.58 -11.16
C HIS A 9 -17.72 -16.51 -12.08
N GLY A 10 -17.37 -17.61 -12.76
CA GLY A 10 -16.23 -17.59 -13.67
C GLY A 10 -14.90 -17.65 -12.93
N HIS A 11 -13.82 -17.62 -13.71
CA HIS A 11 -12.48 -17.65 -13.13
C HIS A 11 -12.15 -16.28 -12.54
N MET A 12 -11.66 -16.24 -11.31
CA MET A 12 -11.28 -14.96 -10.73
C MET A 12 -9.97 -14.48 -11.35
N GLN A 13 -9.95 -13.22 -11.78
CA GLN A 13 -8.76 -12.68 -12.44
C GLN A 13 -7.83 -11.93 -11.51
N THR A 14 -8.34 -11.41 -10.39
CA THR A 14 -7.55 -10.79 -9.35
C THR A 14 -7.96 -11.40 -8.02
N LEU A 15 -6.97 -11.75 -7.19
CA LEU A 15 -7.20 -12.01 -5.78
C LEU A 15 -6.73 -10.79 -5.00
N ILE A 16 -7.58 -10.29 -4.13
CA ILE A 16 -7.21 -9.19 -3.26
C ILE A 16 -7.12 -9.74 -1.85
N PHE A 17 -5.90 -9.99 -1.41
CA PHE A 17 -5.69 -10.41 -0.03
C PHE A 17 -5.97 -9.22 0.87
N LEU A 18 -6.77 -9.47 1.91
CA LEU A 18 -7.31 -8.40 2.73
C LEU A 18 -7.13 -8.73 4.20
N ASP A 19 -6.66 -7.76 4.99
CA ASP A 19 -6.71 -7.87 6.45
C ASP A 19 -7.09 -6.51 7.01
N LEU A 20 -7.63 -6.49 8.22
CA LEU A 20 -7.98 -5.21 8.84
C LEU A 20 -7.75 -5.28 10.33
N GLU A 21 -7.55 -4.10 10.93
CA GLU A 21 -7.54 -3.89 12.37
C GLU A 21 -8.86 -3.24 12.73
N ALA A 22 -9.34 -3.50 13.95
CA ALA A 22 -10.59 -2.89 14.36
C ALA A 22 -10.58 -2.74 15.87
N THR A 23 -11.59 -2.04 16.39
CA THR A 23 -11.58 -1.63 17.80
C THR A 23 -11.92 -2.76 18.78
N GLY A 24 -12.50 -3.87 18.34
CA GLY A 24 -12.86 -4.90 19.30
C GLY A 24 -13.58 -6.06 18.65
N LEU A 25 -14.03 -7.01 19.49
CA LEU A 25 -14.75 -8.18 19.03
C LEU A 25 -16.17 -7.76 18.63
N PRO A 26 -16.92 -8.62 17.94
CA PRO A 26 -18.23 -8.18 17.39
C PRO A 26 -19.22 -7.61 18.39
N SER A 27 -19.32 -8.12 19.62
CA SER A 27 -20.37 -7.59 20.50
C SER A 27 -20.08 -6.15 20.91
N SER A 28 -18.86 -5.69 20.72
CA SER A 28 -18.54 -4.31 21.03
C SER A 28 -18.96 -3.35 19.92
N ARG A 29 -19.56 -3.87 18.82
CA ARG A 29 -19.94 -3.05 17.66
C ARG A 29 -18.72 -2.29 17.17
N PRO A 30 -17.71 -3.01 16.70
CA PRO A 30 -16.40 -2.41 16.44
C PRO A 30 -16.39 -1.60 15.16
N GLU A 31 -15.32 -0.83 15.01
CA GLU A 31 -15.07 -0.03 13.83
C GLU A 31 -13.69 -0.37 13.32
N VAL A 32 -13.53 -0.26 12.00
CA VAL A 32 -12.25 -0.53 11.35
C VAL A 32 -11.26 0.60 11.63
N THR A 33 -10.04 0.23 12.01
CA THR A 33 -8.98 1.20 12.24
C THR A 33 -7.86 1.09 11.22
N GLU A 34 -7.81 0.00 10.46
CA GLU A 34 -6.79 -0.13 9.42
C GLU A 34 -7.27 -1.14 8.40
N LEU A 35 -7.02 -0.86 7.13
CA LEU A 35 -7.46 -1.73 6.06
C LEU A 35 -6.25 -1.94 5.16
N CYS A 36 -5.88 -3.20 4.92
CA CYS A 36 -4.68 -3.51 4.15
C CYS A 36 -5.08 -4.45 3.02
N LEU A 37 -4.81 -4.03 1.78
CA LEU A 37 -5.13 -4.82 0.59
C LEU A 37 -3.86 -5.11 -0.20
N LEU A 38 -3.75 -6.34 -0.70
CA LEU A 38 -2.70 -6.70 -1.65
C LEU A 38 -3.37 -7.37 -2.85
N ALA A 39 -3.39 -6.70 -4.00
CA ALA A 39 -4.08 -7.19 -5.17
C ALA A 39 -3.10 -7.88 -6.11
N VAL A 40 -3.37 -9.13 -6.42
CA VAL A 40 -2.46 -9.96 -7.22
C VAL A 40 -3.27 -10.53 -8.38
N HIS A 41 -2.77 -10.36 -9.60
CA HIS A 41 -3.40 -10.98 -10.74
C HIS A 41 -3.24 -12.49 -10.67
N ARG A 42 -4.24 -13.19 -11.23
CA ARG A 42 -4.21 -14.65 -11.30
C ARG A 42 -2.89 -15.15 -11.87
N ARG A 43 -2.44 -14.56 -12.98
CA ARG A 43 -1.22 -15.03 -13.64
C ARG A 43 0.01 -14.91 -12.72
N ALA A 44 0.06 -13.84 -11.91
CA ALA A 44 1.20 -13.64 -11.01
C ALA A 44 1.26 -14.72 -9.95
N LEU A 45 0.10 -15.12 -9.43
CA LEU A 45 0.06 -16.23 -8.51
C LEU A 45 0.45 -17.52 -9.22
N GLU A 46 -0.10 -17.75 -10.42
CA GLU A 46 0.18 -18.97 -11.16
C GLU A 46 1.65 -19.12 -11.52
N ASN A 47 2.39 -18.01 -11.64
CA ASN A 47 3.79 -18.07 -12.04
C ASN A 47 4.74 -18.24 -10.85
N THR A 48 4.20 -18.31 -9.64
CA THR A 48 5.01 -18.56 -8.46
C THR A 48 5.81 -19.86 -8.63
N SER A 49 7.08 -19.81 -8.25
CA SER A 49 7.91 -21.03 -8.27
C SER A 49 7.24 -22.14 -7.47
N ILE A 50 7.18 -23.34 -8.09
CA ILE A 50 6.56 -24.50 -7.45
C ILE A 50 7.25 -24.78 -6.12
N SER A 51 6.44 -24.96 -5.07
CA SER A 51 6.95 -25.38 -3.77
C SER A 51 7.56 -26.79 -3.87
N GLN A 52 8.83 -26.91 -3.53
CA GLN A 52 9.53 -28.19 -3.49
C GLN A 52 10.37 -28.26 -2.22
N GLY A 53 10.53 -29.47 -1.69
CA GLY A 53 11.31 -29.68 -0.49
C GLY A 53 10.45 -29.58 0.77
N HIS A 54 11.00 -30.08 1.87
CA HIS A 54 10.29 -30.05 3.15
C HIS A 54 11.22 -29.50 4.22
N PRO A 55 11.08 -28.22 4.58
CA PRO A 55 10.02 -27.32 4.11
C PRO A 55 10.39 -26.67 2.79
N PRO A 56 9.41 -26.23 2.01
CA PRO A 56 9.73 -25.38 0.86
C PRO A 56 10.12 -23.99 1.32
N PRO A 57 10.91 -23.26 0.53
CA PRO A 57 11.19 -21.86 0.87
C PRO A 57 9.91 -21.04 0.89
N VAL A 58 9.92 -19.99 1.72
CA VAL A 58 8.78 -19.06 1.65
C VAL A 58 8.76 -18.43 0.26
N PRO A 59 7.64 -18.48 -0.47
CA PRO A 59 7.64 -17.96 -1.83
C PRO A 59 7.95 -16.46 -1.85
N ARG A 60 8.64 -16.03 -2.89
CA ARG A 60 8.79 -14.60 -2.95
C ARG A 60 7.49 -13.97 -3.47
N PRO A 61 7.12 -12.80 -2.95
CA PRO A 61 5.93 -12.14 -3.48
C PRO A 61 6.08 -11.87 -4.95
N PRO A 62 4.99 -11.89 -5.72
CA PRO A 62 5.09 -11.59 -7.14
C PRO A 62 5.67 -10.20 -7.35
N ARG A 63 6.31 -10.00 -8.51
CA ARG A 63 6.87 -8.69 -8.81
C ARG A 63 5.80 -7.64 -8.98
N VAL A 64 4.64 -8.03 -9.53
CA VAL A 64 3.53 -7.13 -9.82
C VAL A 64 2.48 -7.37 -8.75
N VAL A 65 2.37 -6.46 -7.78
CA VAL A 65 1.32 -6.49 -6.75
C VAL A 65 0.88 -5.04 -6.55
N ASP A 66 -0.43 -4.79 -6.54
CA ASP A 66 -0.94 -3.48 -6.12
C ASP A 66 -1.25 -3.50 -4.63
N LYS A 67 -0.98 -2.38 -3.96
CA LYS A 67 -1.12 -2.37 -2.51
C LYS A 67 -1.86 -1.11 -2.08
N LEU A 68 -2.76 -1.28 -1.11
CA LEU A 68 -3.37 -0.13 -0.47
C LEU A 68 -3.43 -0.41 1.03
N SER A 69 -2.98 0.55 1.83
CA SER A 69 -2.99 0.32 3.27
C SER A 69 -3.38 1.65 3.91
N LEU A 70 -4.50 1.67 4.65
CA LEU A 70 -5.00 2.93 5.20
C LEU A 70 -5.31 2.78 6.67
N CYS A 71 -4.91 3.78 7.44
CA CYS A 71 -5.29 3.89 8.84
C CYS A 71 -6.55 4.76 8.93
N ILE A 72 -7.45 4.38 9.82
CA ILE A 72 -8.78 4.97 9.86
C ILE A 72 -9.10 5.31 11.30
N ALA A 73 -9.48 6.58 11.56
CA ALA A 73 -9.90 6.96 12.91
C ALA A 73 -11.29 6.42 13.19
N PRO A 74 -11.49 5.67 14.27
CA PRO A 74 -12.83 5.20 14.62
C PRO A 74 -13.57 6.24 15.46
N GLY A 75 -14.90 6.08 15.51
CA GLY A 75 -15.70 6.91 16.39
C GLY A 75 -15.61 6.56 17.86
N LYS A 76 -15.28 5.31 18.19
CA LYS A 76 -15.20 4.83 19.56
C LYS A 76 -13.79 4.35 19.86
N ALA A 77 -13.46 4.26 21.15
CA ALA A 77 -12.15 3.76 21.57
C ALA A 77 -12.05 2.25 21.38
N CYS A 78 -10.81 1.79 21.20
CA CYS A 78 -10.55 0.36 21.13
C CYS A 78 -10.80 -0.30 22.49
N SER A 79 -11.09 -1.60 22.43
CA SER A 79 -11.26 -2.39 23.64
C SER A 79 -9.92 -2.58 24.34
N PRO A 80 -9.95 -2.96 25.62
CA PRO A 80 -8.69 -3.26 26.33
C PRO A 80 -7.88 -4.33 25.60
N GLY A 81 -6.65 -3.96 25.23
CA GLY A 81 -5.75 -4.87 24.56
C GLY A 81 -5.93 -5.00 23.08
N ALA A 82 -6.87 -4.27 22.48
CA ALA A 82 -7.12 -4.39 21.05
C ALA A 82 -6.03 -3.73 20.20
N SER A 83 -5.38 -2.69 20.73
CA SER A 83 -4.33 -1.99 20.01
C SER A 83 -2.94 -2.23 20.61
N GLU A 84 -2.80 -3.28 21.43
CA GLU A 84 -1.54 -3.57 22.11
C GLU A 84 -0.40 -3.79 21.12
N ILE A 85 -0.54 -4.78 20.23
CA ILE A 85 0.55 -5.17 19.34
C ILE A 85 0.84 -4.05 18.34
N THR A 86 -0.21 -3.39 17.84
CA THR A 86 -0.05 -2.39 16.80
C THR A 86 0.27 -1.01 17.35
N GLY A 87 -0.41 -0.56 18.40
CA GLY A 87 -0.32 0.82 18.83
C GLY A 87 -1.31 1.74 18.16
N LEU A 88 -2.29 1.19 17.44
CA LEU A 88 -3.33 1.95 16.75
C LEU A 88 -4.54 2.17 17.67
N SER A 89 -4.31 2.92 18.74
CA SER A 89 -5.42 3.44 19.54
C SER A 89 -6.16 4.55 18.79
N LYS A 90 -7.40 4.83 19.24
CA LYS A 90 -8.15 5.96 18.71
C LYS A 90 -7.41 7.28 18.93
N ALA A 91 -6.84 7.48 20.11
CA ALA A 91 -6.11 8.71 20.39
C ALA A 91 -4.92 8.86 19.45
N GLU A 92 -4.18 7.78 19.21
CA GLU A 92 -3.02 7.87 18.32
C GLU A 92 -3.44 8.14 16.88
N LEU A 93 -4.49 7.46 16.41
CA LEU A 93 -4.96 7.73 15.05
C LEU A 93 -5.43 9.17 14.89
N GLU A 94 -6.00 9.76 15.95
CA GLU A 94 -6.42 11.15 15.85
C GLU A 94 -5.23 12.10 15.93
N VAL A 95 -4.23 11.76 16.76
CA VAL A 95 -3.01 12.55 16.88
C VAL A 95 -2.33 12.67 15.53
N GLN A 96 -2.37 11.59 14.74
CA GLN A 96 -1.75 11.52 13.42
C GLN A 96 -2.71 11.93 12.29
N GLY A 97 -3.83 12.58 12.62
CA GLY A 97 -4.69 13.18 11.62
C GLY A 97 -5.53 12.25 10.76
N ARG A 98 -5.77 11.02 11.19
CA ARG A 98 -6.53 10.11 10.32
C ARG A 98 -7.99 10.51 10.26
N GLN A 99 -8.59 10.30 9.10
CA GLN A 99 -10.00 10.58 8.93
C GLN A 99 -10.86 9.34 9.18
N ARG A 100 -12.15 9.58 9.40
CA ARG A 100 -13.09 8.48 9.60
C ARG A 100 -13.31 7.70 8.32
N PHE A 101 -13.98 6.56 8.47
CA PHE A 101 -14.49 5.76 7.35
C PHE A 101 -15.61 6.54 6.68
N ASP A 102 -15.40 7.06 5.46
CA ASP A 102 -16.38 7.98 4.90
C ASP A 102 -16.54 7.77 3.39
N ASP A 103 -17.35 8.63 2.77
CA ASP A 103 -17.63 8.49 1.33
C ASP A 103 -16.36 8.57 0.51
N ASN A 104 -15.44 9.50 0.85
CA ASN A 104 -14.20 9.59 0.11
C ASN A 104 -13.41 8.30 0.19
N LEU A 105 -13.46 7.61 1.32
CA LEU A 105 -12.75 6.34 1.42
C LEU A 105 -13.38 5.28 0.51
N ALA A 106 -14.71 5.26 0.41
CA ALA A 106 -15.33 4.34 -0.54
C ALA A 106 -14.92 4.66 -1.98
N ILE A 107 -14.86 5.96 -2.32
CA ILE A 107 -14.43 6.36 -3.65
C ILE A 107 -13.00 5.91 -3.89
N LEU A 108 -12.14 6.05 -2.87
CA LEU A 108 -10.76 5.61 -2.97
C LEU A 108 -10.69 4.11 -3.22
N LEU A 109 -11.44 3.33 -2.41
CA LEU A 109 -11.43 1.87 -2.57
C LEU A 109 -11.96 1.47 -3.94
N ARG A 110 -13.04 2.10 -4.38
CA ARG A 110 -13.58 1.78 -5.71
C ARG A 110 -12.55 2.02 -6.81
N ALA A 111 -11.83 3.14 -6.73
CA ALA A 111 -10.90 3.43 -7.81
C ALA A 111 -9.74 2.45 -7.76
N PHE A 112 -9.34 2.02 -6.57
CA PHE A 112 -8.31 1.01 -6.45
C PHE A 112 -8.78 -0.32 -7.06
N LEU A 113 -10.01 -0.74 -6.71
CA LEU A 113 -10.57 -1.98 -7.25
C LEU A 113 -10.68 -1.94 -8.76
N GLN A 114 -11.05 -0.77 -9.30
CA GLN A 114 -11.26 -0.64 -10.74
C GLN A 114 -9.97 -0.77 -11.55
N ARG A 115 -8.80 -0.62 -10.92
CA ARG A 115 -7.57 -0.91 -11.62
C ARG A 115 -7.25 -2.39 -11.72
N GLN A 116 -8.04 -3.25 -11.07
CA GLN A 116 -7.75 -4.68 -11.06
C GLN A 116 -8.60 -5.40 -12.10
N PRO A 117 -8.02 -6.33 -12.86
CA PRO A 117 -8.82 -7.14 -13.78
C PRO A 117 -9.95 -7.86 -13.04
N GLN A 118 -11.08 -7.91 -13.67
CA GLN A 118 -12.27 -8.51 -13.12
C GLN A 118 -12.52 -9.88 -13.77
N PRO A 119 -13.18 -10.83 -13.09
CA PRO A 119 -13.72 -10.73 -11.74
C PRO A 119 -12.64 -10.72 -10.68
N CYS A 120 -12.94 -9.98 -9.64
CA CYS A 120 -12.05 -9.76 -8.53
C CYS A 120 -12.63 -10.42 -7.28
N CYS A 121 -11.77 -11.07 -6.47
CA CYS A 121 -12.20 -11.78 -5.27
C CYS A 121 -11.36 -11.40 -4.07
N LEU A 122 -12.00 -10.85 -3.04
CA LEU A 122 -11.33 -10.63 -1.76
C LEU A 122 -11.03 -11.97 -1.09
N VAL A 123 -9.87 -12.07 -0.43
CA VAL A 123 -9.46 -13.27 0.28
C VAL A 123 -9.05 -12.78 1.66
N ALA A 124 -9.76 -13.21 2.70
CA ALA A 124 -9.40 -12.80 4.07
C ALA A 124 -9.55 -13.96 5.02
N HIS A 125 -8.62 -14.08 5.97
CA HIS A 125 -8.61 -15.15 6.95
C HIS A 125 -9.63 -14.83 8.05
N ASN A 126 -10.64 -15.69 8.18
CA ASN A 126 -11.82 -15.44 9.01
C ASN A 126 -12.67 -14.32 8.45
N GLY A 127 -12.53 -14.02 7.15
CA GLY A 127 -13.33 -12.96 6.57
C GLY A 127 -14.82 -13.19 6.68
N ASP A 128 -15.27 -14.46 6.59
CA ASP A 128 -16.71 -14.72 6.62
C ASP A 128 -17.31 -14.39 7.96
N ARG A 129 -16.56 -14.57 9.03
CA ARG A 129 -17.10 -14.30 10.36
C ARG A 129 -16.73 -12.92 10.90
N TYR A 130 -15.74 -12.27 10.35
CA TYR A 130 -15.35 -10.99 10.92
C TYR A 130 -15.14 -9.91 9.87
N ASP A 131 -14.09 -10.02 9.04
CA ASP A 131 -13.68 -8.89 8.19
C ASP A 131 -14.79 -8.48 7.24
N PHE A 132 -15.40 -9.45 6.55
CA PHE A 132 -16.41 -9.09 5.55
C PHE A 132 -17.65 -8.52 6.21
N PRO A 133 -18.24 -9.15 7.24
CA PRO A 133 -19.41 -8.49 7.87
C PRO A 133 -19.10 -7.11 8.41
N LEU A 134 -17.92 -6.91 8.99
CA LEU A 134 -17.62 -5.59 9.53
C LEU A 134 -17.50 -4.58 8.40
N LEU A 135 -16.83 -4.95 7.30
CA LEU A 135 -16.72 -4.02 6.17
C LEU A 135 -18.09 -3.67 5.61
N GLN A 136 -18.99 -4.67 5.55
CA GLN A 136 -20.35 -4.45 5.07
C GLN A 136 -21.05 -3.41 5.94
N THR A 137 -20.94 -3.55 7.26
CA THR A 137 -21.45 -2.57 8.20
C THR A 137 -20.85 -1.18 7.97
N GLU A 138 -19.52 -1.08 7.84
CA GLU A 138 -18.92 0.24 7.60
C GLU A 138 -19.46 0.84 6.29
N LEU A 139 -19.55 0.02 5.23
CA LEU A 139 -20.00 0.58 3.95
C LEU A 139 -21.48 0.94 3.97
N ALA A 140 -22.26 0.31 4.85
CA ALA A 140 -23.70 0.56 4.86
C ALA A 140 -24.01 1.94 5.40
N ARG A 141 -23.12 2.50 6.22
CA ARG A 141 -23.33 3.85 6.73
C ARG A 141 -23.14 4.94 5.68
N LEU A 142 -22.52 4.61 4.56
CA LEU A 142 -22.08 5.63 3.60
C LEU A 142 -23.20 5.97 2.63
N SER A 143 -23.03 7.07 1.90
CA SER A 143 -24.02 7.49 0.91
C SER A 143 -23.68 7.01 -0.50
N THR A 144 -22.49 6.47 -0.73
CA THR A 144 -22.11 5.93 -2.02
C THR A 144 -22.71 4.55 -2.20
N PRO A 145 -22.81 4.05 -3.44
CA PRO A 145 -23.10 2.62 -3.60
C PRO A 145 -22.00 1.85 -2.89
N SER A 146 -22.20 0.55 -2.70
CA SER A 146 -21.08 -0.20 -2.15
C SER A 146 -19.96 -0.26 -3.19
N PRO A 147 -18.72 0.10 -2.83
CA PRO A 147 -17.62 -0.07 -3.79
C PRO A 147 -17.32 -1.53 -4.07
N LEU A 148 -17.84 -2.44 -3.26
CA LEU A 148 -17.64 -3.87 -3.45
C LEU A 148 -18.80 -4.56 -4.18
N ASP A 149 -19.69 -3.78 -4.80
CA ASP A 149 -20.92 -4.33 -5.40
C ASP A 149 -20.68 -5.39 -6.46
N GLY A 150 -19.58 -5.35 -7.21
CA GLY A 150 -19.36 -6.39 -8.20
C GLY A 150 -18.24 -7.34 -7.83
N THR A 151 -17.76 -7.30 -6.60
CA THR A 151 -16.57 -7.99 -6.16
C THR A 151 -17.01 -9.22 -5.40
N PHE A 152 -16.20 -10.27 -5.50
CA PHE A 152 -16.49 -11.51 -4.81
C PHE A 152 -15.62 -11.63 -3.57
N CYS A 153 -15.91 -12.65 -2.75
CA CYS A 153 -15.08 -12.87 -1.58
C CYS A 153 -15.08 -14.34 -1.19
N VAL A 154 -14.00 -14.74 -0.50
CA VAL A 154 -13.84 -16.07 0.06
C VAL A 154 -13.07 -15.94 1.36
N ASP A 155 -13.23 -16.94 2.23
CA ASP A 155 -12.47 -17.02 3.47
C ASP A 155 -11.32 -18.00 3.29
N SER A 156 -10.11 -17.57 3.62
CA SER A 156 -8.96 -18.45 3.44
C SER A 156 -8.84 -19.55 4.50
N ILE A 157 -9.60 -19.51 5.60
CA ILE A 157 -9.57 -20.64 6.52
C ILE A 157 -10.05 -21.91 5.82
N ALA A 158 -11.24 -21.85 5.22
CA ALA A 158 -11.77 -22.97 4.46
C ALA A 158 -10.82 -23.37 3.34
N ALA A 159 -10.25 -22.38 2.64
CA ALA A 159 -9.33 -22.69 1.54
C ALA A 159 -8.14 -23.52 2.02
N LEU A 160 -7.50 -23.08 3.10
CA LEU A 160 -6.31 -23.79 3.54
C LEU A 160 -6.65 -25.10 4.20
N LYS A 161 -7.80 -25.19 4.88
CA LYS A 161 -8.28 -26.48 5.35
C LYS A 161 -8.36 -27.47 4.20
N ALA A 162 -8.93 -27.04 3.08
CA ALA A 162 -9.03 -27.94 1.93
C ALA A 162 -7.66 -28.31 1.37
N LEU A 163 -6.77 -27.33 1.23
CA LEU A 163 -5.47 -27.56 0.60
C LEU A 163 -4.56 -28.41 1.50
N GLU A 164 -4.61 -28.19 2.81
CA GLU A 164 -3.79 -29.01 3.70
C GLU A 164 -4.32 -30.44 3.78
N GLN A 165 -5.65 -30.61 3.72
CA GLN A 165 -6.21 -31.96 3.72
C GLN A 165 -5.79 -32.75 2.48
N ALA A 166 -5.65 -32.06 1.34
CA ALA A 166 -5.22 -32.71 0.11
C ALA A 166 -3.75 -33.15 0.19
N SER A 167 -2.93 -32.44 0.94
CA SER A 167 -1.52 -32.79 1.12
C SER A 167 -1.28 -33.68 2.34
N SER A 168 -2.33 -34.01 3.10
CA SER A 168 -2.21 -34.86 4.28
C SER A 168 -2.95 -36.18 4.09
N LYS A 176 -5.17 -29.55 14.94
CA LYS A 176 -4.54 -28.69 13.93
C LYS A 176 -5.13 -27.28 13.93
N SER A 177 -4.38 -26.31 14.43
CA SER A 177 -4.87 -24.94 14.40
C SER A 177 -4.90 -24.39 12.97
N TYR A 178 -5.92 -23.59 12.65
CA TYR A 178 -5.97 -22.89 11.37
C TYR A 178 -5.86 -21.38 11.54
N SER A 179 -5.28 -20.91 12.64
CA SER A 179 -4.86 -19.52 12.68
C SER A 179 -3.81 -19.31 11.61
N LEU A 180 -3.74 -18.08 11.11
CA LEU A 180 -2.81 -17.77 10.04
C LEU A 180 -1.38 -18.20 10.39
N GLY A 181 -0.92 -17.83 11.58
CA GLY A 181 0.45 -18.16 11.97
C GLY A 181 0.69 -19.67 12.06
N SER A 182 -0.28 -20.41 12.61
CA SER A 182 -0.08 -21.85 12.69
C SER A 182 0.07 -22.46 11.30
N ILE A 183 -0.79 -22.06 10.35
CA ILE A 183 -0.68 -22.57 8.99
C ILE A 183 0.69 -22.26 8.41
N TYR A 184 1.11 -21.01 8.51
CA TYR A 184 2.38 -20.59 7.92
C TYR A 184 3.56 -21.35 8.52
N THR A 185 3.55 -21.53 9.84
CA THR A 185 4.63 -22.29 10.45
C THR A 185 4.58 -23.75 10.03
N ARG A 186 3.38 -24.31 9.91
CA ARG A 186 3.25 -25.69 9.44
C ARG A 186 3.82 -25.83 8.03
N LEU A 187 3.54 -24.86 7.15
CA LEU A 187 3.99 -24.93 5.77
C LEU A 187 5.47 -24.65 5.63
N TYR A 188 5.98 -23.64 6.34
CA TYR A 188 7.32 -23.14 6.08
C TYR A 188 8.31 -23.34 7.23
N TRP A 189 7.85 -23.82 8.39
CA TRP A 189 8.70 -24.15 9.54
C TRP A 189 9.41 -22.91 10.09
N GLN A 190 8.78 -21.76 9.88
CA GLN A 190 9.30 -20.47 10.30
C GLN A 190 8.17 -19.71 10.97
N ALA A 191 8.53 -18.81 11.90
CA ALA A 191 7.51 -17.96 12.49
C ALA A 191 7.13 -16.85 11.51
N PRO A 192 5.85 -16.51 11.42
CA PRO A 192 5.45 -15.40 10.56
C PRO A 192 6.04 -14.10 11.09
N THR A 193 6.30 -13.18 10.17
CA THR A 193 6.82 -11.86 10.48
C THR A 193 5.67 -10.91 10.83
N ASP A 194 5.87 -10.10 11.87
CA ASP A 194 4.89 -9.09 12.27
C ASP A 194 3.51 -9.73 12.50
N SER A 195 3.53 -10.83 13.25
CA SER A 195 2.35 -11.63 13.53
C SER A 195 1.30 -10.82 14.29
N HIS A 196 0.03 -11.08 13.96
CA HIS A 196 -1.13 -10.52 14.65
C HIS A 196 -1.29 -9.01 14.41
N THR A 197 -0.76 -8.51 13.30
CA THR A 197 -1.06 -7.19 12.78
C THR A 197 -1.59 -7.37 11.35
N ALA A 198 -2.55 -6.52 10.97
CA ALA A 198 -3.07 -6.54 9.60
C ALA A 198 -1.95 -6.33 8.57
N LYS A 199 -1.03 -5.41 8.83
CA LYS A 199 0.05 -5.13 7.87
C LYS A 199 0.91 -6.36 7.65
N GLY A 200 1.24 -7.08 8.72
CA GLY A 200 2.09 -8.24 8.58
C GLY A 200 1.32 -9.44 8.09
N ASP A 201 0.10 -9.62 8.63
CA ASP A 201 -0.64 -10.84 8.36
C ASP A 201 -1.15 -10.88 6.92
N VAL A 202 -1.38 -9.74 6.28
CA VAL A 202 -1.84 -9.81 4.90
C VAL A 202 -0.74 -10.38 4.01
N LEU A 203 0.53 -10.09 4.33
CA LEU A 203 1.64 -10.64 3.58
C LEU A 203 1.84 -12.11 3.91
N THR A 204 1.69 -12.47 5.18
CA THR A 204 1.70 -13.88 5.57
C THR A 204 0.60 -14.64 4.85
N LEU A 205 -0.59 -14.04 4.71
CA LEU A 205 -1.67 -14.65 3.97
C LEU A 205 -1.30 -14.89 2.52
N LEU A 206 -0.76 -13.86 1.85
CA LEU A 206 -0.25 -14.05 0.49
C LEU A 206 0.71 -15.25 0.43
N SER A 207 1.69 -15.30 1.35
CA SER A 207 2.69 -16.37 1.30
C SER A 207 2.06 -17.75 1.41
N ILE A 208 1.06 -17.89 2.30
CA ILE A 208 0.38 -19.17 2.42
C ILE A 208 -0.38 -19.49 1.14
N CYS A 209 -0.98 -18.48 0.51
CA CYS A 209 -1.75 -18.75 -0.68
C CYS A 209 -0.86 -19.04 -1.89
N GLN A 210 0.42 -18.66 -1.82
CA GLN A 210 1.40 -18.99 -2.86
C GLN A 210 1.98 -20.38 -2.72
N TRP A 211 1.65 -21.09 -1.62
CA TRP A 211 2.14 -22.45 -1.41
C TRP A 211 1.74 -23.39 -2.54
N LYS A 212 0.44 -23.41 -2.87
CA LYS A 212 -0.10 -24.26 -3.92
C LYS A 212 -1.05 -23.40 -4.74
N PRO A 213 -0.51 -22.52 -5.58
CA PRO A 213 -1.37 -21.47 -6.17
C PRO A 213 -2.40 -22.01 -7.14
N GLN A 214 -2.09 -23.08 -7.89
CA GLN A 214 -3.09 -23.64 -8.80
C GLN A 214 -4.27 -24.23 -8.04
N ALA A 215 -4.00 -24.99 -6.97
CA ALA A 215 -5.09 -25.58 -6.19
C ALA A 215 -5.86 -24.49 -5.45
N LEU A 216 -5.14 -23.47 -4.96
CA LEU A 216 -5.81 -22.37 -4.28
C LEU A 216 -6.75 -21.63 -5.22
N LEU A 217 -6.29 -21.35 -6.44
CA LEU A 217 -7.12 -20.64 -7.40
C LEU A 217 -8.34 -21.45 -7.78
N GLN A 218 -8.18 -22.77 -7.95
CA GLN A 218 -9.33 -23.61 -8.25
C GLN A 218 -10.31 -23.58 -7.10
N TRP A 219 -9.84 -23.68 -5.86
CA TRP A 219 -10.76 -23.63 -4.73
C TRP A 219 -11.47 -22.27 -4.68
N VAL A 220 -10.74 -21.18 -4.90
CA VAL A 220 -11.32 -19.84 -4.84
C VAL A 220 -12.39 -19.67 -5.91
N ASP A 221 -12.09 -20.11 -7.14
CA ASP A 221 -13.06 -20.06 -8.24
C ASP A 221 -14.36 -20.76 -7.88
N GLU A 222 -14.26 -21.94 -7.27
CA GLU A 222 -15.45 -22.72 -6.94
C GLU A 222 -16.23 -22.18 -5.75
N HIS A 223 -15.61 -21.36 -4.89
CA HIS A 223 -16.28 -20.95 -3.64
C HIS A 223 -16.54 -19.45 -3.54
N ALA A 224 -16.06 -18.68 -4.50
CA ALA A 224 -16.31 -17.23 -4.54
C ALA A 224 -17.81 -16.95 -4.48
N ARG A 225 -18.19 -15.97 -3.67
CA ARG A 225 -19.57 -15.50 -3.60
C ARG A 225 -19.56 -13.98 -3.63
N PRO A 226 -20.67 -13.35 -4.04
CA PRO A 226 -20.67 -11.88 -4.12
C PRO A 226 -20.53 -11.25 -2.74
N PHE A 227 -19.69 -10.23 -2.66
CA PHE A 227 -19.62 -9.50 -1.40
C PHE A 227 -20.98 -8.92 -1.00
N SER A 228 -21.82 -8.57 -1.98
CA SER A 228 -23.14 -8.02 -1.67
C SER A 228 -24.03 -8.98 -0.87
N THR A 229 -23.76 -10.30 -0.89
CA THR A 229 -24.51 -11.26 -0.09
C THR A 229 -24.01 -11.36 1.34
N VAL A 230 -22.92 -10.71 1.71
CA VAL A 230 -22.40 -10.76 3.07
C VAL A 230 -23.33 -9.99 3.99
N LYS A 231 -23.75 -10.64 5.07
CA LYS A 231 -24.63 -9.98 6.03
C LYS A 231 -23.84 -9.05 6.94
N PRO A 232 -24.34 -7.84 7.19
CA PRO A 232 -23.63 -6.92 8.08
C PRO A 232 -23.43 -7.51 9.48
N MET A 233 -22.28 -7.17 10.08
CA MET A 233 -22.01 -7.63 11.44
C MET A 233 -23.07 -7.07 12.39
N TYR A 234 -23.41 -5.80 12.23
CA TYR A 234 -24.43 -5.17 13.06
C TYR A 234 -25.05 -4.03 12.26
N GLY A 235 -26.17 -3.53 12.75
CA GLY A 235 -26.89 -2.54 11.97
C GLY A 235 -26.92 -1.18 12.63
N SER B 1 14.17 37.12 16.74
CA SER B 1 15.14 36.51 15.83
C SER B 1 14.47 36.15 14.49
N MET B 2 15.29 35.93 13.46
CA MET B 2 14.79 35.54 12.13
C MET B 2 13.70 36.50 11.63
N GLY B 3 13.91 37.80 11.86
CA GLY B 3 12.89 38.79 11.55
C GLY B 3 12.48 38.80 10.09
N SER B 4 13.44 38.57 9.19
CA SER B 4 13.16 38.56 7.75
C SER B 4 13.09 37.15 7.16
N GLN B 5 13.36 36.10 7.93
CA GLN B 5 13.43 34.74 7.39
C GLN B 5 12.34 33.87 8.00
N THR B 6 11.48 33.31 7.14
CA THR B 6 10.40 32.44 7.58
C THR B 6 10.30 31.26 6.65
N LEU B 7 9.53 30.26 7.07
CA LEU B 7 9.29 29.13 6.19
C LEU B 7 8.57 29.61 4.93
N PRO B 8 8.88 29.03 3.77
CA PRO B 8 8.20 29.47 2.55
C PRO B 8 6.72 29.13 2.54
N HIS B 9 6.34 27.99 3.13
CA HIS B 9 4.95 27.55 2.95
C HIS B 9 4.39 26.94 4.22
N GLY B 10 4.90 27.35 5.38
CA GLY B 10 4.44 26.78 6.63
C GLY B 10 5.00 25.38 6.92
N HIS B 11 4.57 24.83 8.04
CA HIS B 11 4.98 23.48 8.40
C HIS B 11 4.21 22.47 7.55
N MET B 12 4.93 21.49 7.04
CA MET B 12 4.29 20.42 6.27
C MET B 12 3.69 19.43 7.26
N GLN B 13 2.42 19.07 7.07
CA GLN B 13 1.81 18.17 8.04
C GLN B 13 1.93 16.72 7.64
N THR B 14 2.03 16.45 6.34
CA THR B 14 2.23 15.10 5.83
C THR B 14 3.49 15.10 4.98
N LEU B 15 4.35 14.09 5.15
CA LEU B 15 5.36 13.80 4.14
C LEU B 15 4.92 12.54 3.41
N ILE B 16 4.91 12.60 2.09
CA ILE B 16 4.60 11.45 1.25
C ILE B 16 5.89 11.04 0.56
N PHE B 17 6.49 9.96 1.06
CA PHE B 17 7.68 9.42 0.41
C PHE B 17 7.23 8.72 -0.85
N LEU B 18 7.92 9.01 -1.96
CA LEU B 18 7.44 8.65 -3.28
C LEU B 18 8.59 8.06 -4.08
N ASP B 19 8.31 6.97 -4.79
CA ASP B 19 9.25 6.46 -5.76
C ASP B 19 8.45 5.94 -6.95
N LEU B 20 9.08 5.95 -8.12
CA LEU B 20 8.42 5.42 -9.30
C LEU B 20 9.43 4.69 -10.15
N GLU B 21 8.89 3.85 -11.02
CA GLU B 21 9.65 3.21 -12.09
C GLU B 21 9.05 3.69 -13.40
N ALA B 22 9.87 3.70 -14.45
CA ALA B 22 9.46 4.25 -15.72
C ALA B 22 10.21 3.51 -16.81
N THR B 23 9.77 3.74 -18.05
CA THR B 23 10.27 2.94 -19.17
C THR B 23 11.68 3.32 -19.60
N GLY B 24 12.24 4.44 -19.15
CA GLY B 24 13.51 4.85 -19.71
C GLY B 24 13.90 6.24 -19.22
N LEU B 25 14.98 6.74 -19.80
CA LEU B 25 15.53 8.02 -19.39
C LEU B 25 14.81 9.17 -20.10
N PRO B 26 14.99 10.42 -19.64
CA PRO B 26 14.18 11.55 -20.18
C PRO B 26 14.11 11.68 -21.69
N SER B 27 15.20 11.53 -22.44
CA SER B 27 15.07 11.79 -23.86
C SER B 27 14.21 10.74 -24.55
N SER B 28 14.01 9.60 -23.93
CA SER B 28 13.13 8.57 -24.50
C SER B 28 11.66 8.91 -24.33
N ARG B 29 11.32 10.02 -23.61
CA ARG B 29 9.95 10.42 -23.35
C ARG B 29 9.27 9.28 -22.60
N PRO B 30 9.72 9.00 -21.38
CA PRO B 30 9.34 7.77 -20.70
C PRO B 30 7.93 7.85 -20.11
N GLU B 31 7.42 6.69 -19.73
CA GLU B 31 6.13 6.60 -19.08
C GLU B 31 6.28 5.85 -17.77
N VAL B 32 5.47 6.25 -16.78
CA VAL B 32 5.54 5.63 -15.47
C VAL B 32 4.99 4.22 -15.53
N THR B 33 5.70 3.26 -14.91
CA THR B 33 5.25 1.87 -14.85
C THR B 33 4.95 1.42 -13.42
N GLU B 34 5.42 2.15 -12.42
CA GLU B 34 5.08 1.83 -11.04
C GLU B 34 5.13 3.10 -10.21
N LEU B 35 4.21 3.21 -9.25
CA LEU B 35 4.18 4.38 -8.39
C LEU B 35 3.95 3.88 -6.97
N CYS B 36 4.80 4.31 -6.04
CA CYS B 36 4.69 3.84 -4.67
C CYS B 36 4.70 5.05 -3.76
N LEU B 37 3.72 5.13 -2.87
CA LEU B 37 3.61 6.25 -1.94
C LEU B 37 3.58 5.72 -0.52
N LEU B 38 4.27 6.40 0.40
CA LEU B 38 4.13 6.11 1.83
C LEU B 38 3.89 7.44 2.52
N ALA B 39 2.67 7.63 3.05
CA ALA B 39 2.25 8.91 3.62
C ALA B 39 2.36 8.84 5.13
N VAL B 40 3.12 9.78 5.71
CA VAL B 40 3.42 9.81 7.14
C VAL B 40 3.06 11.20 7.66
N HIS B 41 2.35 11.27 8.79
CA HIS B 41 2.14 12.54 9.47
C HIS B 41 3.45 13.02 10.07
N ARG B 42 3.63 14.35 10.13
CA ARG B 42 4.90 14.86 10.65
C ARG B 42 5.14 14.39 12.08
N ARG B 43 4.08 14.13 12.84
CA ARG B 43 4.24 13.67 14.23
C ARG B 43 4.97 12.33 14.31
N ALA B 44 4.81 11.47 13.30
CA ALA B 44 5.51 10.20 13.29
C ALA B 44 7.02 10.38 13.11
N LEU B 45 7.46 11.56 12.71
CA LEU B 45 8.86 11.93 12.71
C LEU B 45 9.21 12.88 13.84
N GLU B 46 8.24 13.27 14.67
CA GLU B 46 8.50 14.11 15.83
C GLU B 46 8.54 13.29 17.12
N PRO B 55 26.65 1.30 15.44
CA PRO B 55 25.79 2.07 14.54
C PRO B 55 24.36 2.20 15.06
N PRO B 56 23.61 3.18 14.56
CA PRO B 56 22.20 3.31 14.94
C PRO B 56 21.40 2.18 14.32
N PRO B 57 20.53 1.54 15.11
CA PRO B 57 19.59 0.57 14.53
C PRO B 57 18.76 1.22 13.45
N VAL B 58 18.44 0.45 12.42
CA VAL B 58 17.57 1.00 11.39
C VAL B 58 16.22 1.26 12.03
N PRO B 59 15.71 2.50 11.95
CA PRO B 59 14.39 2.80 12.51
C PRO B 59 13.31 1.90 11.93
N ARG B 60 12.38 1.55 12.76
CA ARG B 60 11.21 0.89 12.24
C ARG B 60 10.27 1.95 11.65
N PRO B 61 9.51 1.60 10.61
CA PRO B 61 8.54 2.54 10.08
C PRO B 61 7.57 2.97 11.16
N PRO B 62 6.98 4.15 11.03
CA PRO B 62 5.96 4.58 11.99
C PRO B 62 4.77 3.63 11.96
N ARG B 63 4.08 3.54 13.09
CA ARG B 63 2.93 2.65 13.14
C ARG B 63 1.77 3.18 12.31
N VAL B 64 1.60 4.49 12.19
CA VAL B 64 0.53 5.02 11.35
C VAL B 64 1.16 5.46 10.04
N VAL B 65 0.89 4.72 8.96
CA VAL B 65 1.40 5.04 7.62
C VAL B 65 0.30 4.66 6.65
N ASP B 66 0.04 5.52 5.67
CA ASP B 66 -0.85 5.17 4.57
C ASP B 66 0.00 4.80 3.36
N LYS B 67 -0.37 3.71 2.67
CA LYS B 67 0.49 3.29 1.57
C LYS B 67 -0.35 3.05 0.33
N LEU B 68 0.23 3.39 -0.82
CA LEU B 68 -0.39 3.07 -2.08
C LEU B 68 0.71 2.63 -3.03
N SER B 69 0.54 1.47 -3.67
CA SER B 69 1.52 1.03 -4.64
C SER B 69 0.77 0.50 -5.86
N LEU B 70 1.02 1.07 -7.02
CA LEU B 70 0.31 0.65 -8.23
C LEU B 70 1.30 0.35 -9.34
N CYS B 71 1.06 -0.75 -10.04
CA CYS B 71 1.74 -0.98 -11.30
C CYS B 71 0.93 -0.40 -12.44
N ILE B 72 1.61 0.17 -13.44
CA ILE B 72 0.93 0.97 -14.45
C ILE B 72 1.43 0.54 -15.82
N ALA B 73 0.50 0.26 -16.75
CA ALA B 73 0.90 -0.18 -18.09
C ALA B 73 1.26 1.04 -18.93
N PRO B 74 2.46 1.10 -19.50
CA PRO B 74 2.82 2.19 -20.38
C PRO B 74 2.29 1.94 -21.79
N GLY B 75 2.33 3.00 -22.61
CA GLY B 75 2.03 2.86 -24.02
C GLY B 75 3.14 2.28 -24.86
N LYS B 76 4.39 2.33 -24.38
CA LYS B 76 5.53 1.83 -25.13
C LYS B 76 6.45 1.03 -24.23
N ALA B 77 7.34 0.24 -24.86
CA ALA B 77 8.14 -0.73 -24.15
C ALA B 77 9.28 -0.07 -23.35
N CYS B 78 9.71 -0.76 -22.30
CA CYS B 78 10.84 -0.30 -21.50
C CYS B 78 12.14 -0.52 -22.27
N SER B 79 13.21 0.11 -21.77
CA SER B 79 14.55 -0.01 -22.36
C SER B 79 15.19 -1.35 -21.99
N LEU B 88 10.48 -4.60 -14.49
CA LEU B 88 9.19 -4.55 -15.18
C LEU B 88 9.36 -4.53 -16.68
N SER B 89 8.33 -4.98 -17.38
CA SER B 89 8.26 -4.89 -18.83
C SER B 89 6.83 -4.63 -19.25
N LYS B 90 6.68 -3.92 -20.38
CA LYS B 90 5.36 -3.62 -20.91
C LYS B 90 4.54 -4.89 -21.11
N ALA B 91 5.13 -5.91 -21.74
CA ALA B 91 4.38 -7.13 -22.04
C ALA B 91 3.91 -7.82 -20.74
N GLU B 92 4.76 -7.85 -19.71
CA GLU B 92 4.38 -8.50 -18.46
C GLU B 92 3.33 -7.69 -17.71
N LEU B 93 3.41 -6.35 -17.77
CA LEU B 93 2.36 -5.54 -17.16
C LEU B 93 1.02 -5.78 -17.85
N GLU B 94 1.04 -6.04 -19.16
CA GLU B 94 -0.19 -6.28 -19.90
C GLU B 94 -0.77 -7.66 -19.65
N VAL B 95 0.06 -8.66 -19.38
CA VAL B 95 -0.50 -9.99 -19.09
C VAL B 95 -1.00 -10.07 -17.66
N GLN B 96 -0.55 -9.16 -16.79
CA GLN B 96 -1.10 -8.96 -15.45
C GLN B 96 -2.27 -7.97 -15.45
N GLY B 97 -2.74 -7.57 -16.62
CA GLY B 97 -3.90 -6.71 -16.79
C GLY B 97 -3.77 -5.30 -16.27
N ARG B 98 -2.55 -4.77 -16.19
CA ARG B 98 -2.38 -3.43 -15.64
C ARG B 98 -2.97 -2.38 -16.58
N GLN B 99 -3.57 -1.36 -16.00
CA GLN B 99 -4.19 -0.28 -16.76
C GLN B 99 -3.26 0.92 -16.85
N ARG B 100 -3.63 1.82 -17.76
CA ARG B 100 -2.80 2.97 -18.09
C ARG B 100 -2.92 4.04 -17.00
N PHE B 101 -2.08 5.06 -17.13
CA PHE B 101 -2.13 6.25 -16.29
C PHE B 101 -3.33 7.07 -16.74
N ASP B 102 -4.46 6.97 -16.04
CA ASP B 102 -5.70 7.47 -16.64
C ASP B 102 -6.51 8.25 -15.60
N ASP B 103 -7.73 8.64 -16.00
CA ASP B 103 -8.58 9.45 -15.12
C ASP B 103 -8.93 8.71 -13.83
N ASN B 104 -9.21 7.41 -13.92
CA ASN B 104 -9.51 6.67 -12.70
C ASN B 104 -8.33 6.68 -11.74
N LEU B 105 -7.11 6.66 -12.27
CA LEU B 105 -5.94 6.75 -11.40
C LEU B 105 -5.89 8.10 -10.72
N ALA B 106 -6.28 9.16 -11.43
CA ALA B 106 -6.30 10.47 -10.80
C ALA B 106 -7.35 10.54 -9.67
N ILE B 107 -8.51 9.90 -9.87
CA ILE B 107 -9.53 9.84 -8.81
C ILE B 107 -8.94 9.16 -7.58
N LEU B 108 -8.27 8.04 -7.80
CA LEU B 108 -7.63 7.30 -6.72
C LEU B 108 -6.60 8.18 -6.00
N LEU B 109 -5.73 8.86 -6.77
CA LEU B 109 -4.71 9.66 -6.13
C LEU B 109 -5.32 10.81 -5.35
N ARG B 110 -6.31 11.47 -5.94
CA ARG B 110 -6.98 12.58 -5.29
C ARG B 110 -7.61 12.14 -3.97
N ALA B 111 -8.26 10.98 -3.98
CA ALA B 111 -8.92 10.47 -2.78
C ALA B 111 -7.91 10.05 -1.73
N PHE B 112 -6.77 9.50 -2.16
CA PHE B 112 -5.70 9.14 -1.24
C PHE B 112 -5.10 10.39 -0.59
N LEU B 113 -4.80 11.42 -1.39
CA LEU B 113 -4.25 12.65 -0.83
C LEU B 113 -5.24 13.33 0.11
N GLN B 114 -6.53 13.27 -0.22
CA GLN B 114 -7.54 13.92 0.61
C GLN B 114 -7.55 13.36 2.04
N ARG B 115 -7.11 12.13 2.22
CA ARG B 115 -7.05 11.56 3.57
C ARG B 115 -5.85 12.02 4.38
N GLN B 116 -4.93 12.78 3.78
CA GLN B 116 -3.74 13.23 4.49
C GLN B 116 -3.91 14.64 5.02
N PRO B 117 -3.46 14.91 6.24
CA PRO B 117 -3.49 16.29 6.73
C PRO B 117 -2.61 17.19 5.88
N GLN B 118 -3.09 18.41 5.65
CA GLN B 118 -2.42 19.35 4.75
C GLN B 118 -1.69 20.44 5.55
N PRO B 119 -0.65 21.08 4.99
CA PRO B 119 0.02 20.88 3.70
C PRO B 119 0.70 19.51 3.64
N CYS B 120 0.73 18.98 2.44
CA CYS B 120 1.32 17.69 2.14
C CYS B 120 2.55 17.91 1.26
N CYS B 121 3.65 17.21 1.54
CA CYS B 121 4.90 17.39 0.78
C CYS B 121 5.42 16.05 0.29
N LEU B 122 5.57 15.93 -1.05
CA LEU B 122 6.21 14.74 -1.62
C LEU B 122 7.70 14.81 -1.39
N VAL B 123 8.29 13.64 -1.16
CA VAL B 123 9.72 13.50 -0.93
C VAL B 123 10.16 12.38 -1.85
N ALA B 124 11.01 12.69 -2.83
CA ALA B 124 11.43 11.65 -3.74
C ALA B 124 12.91 11.82 -4.03
N HIS B 125 13.61 10.69 -4.17
CA HIS B 125 15.06 10.72 -4.39
C HIS B 125 15.32 11.00 -5.87
N ASN B 126 15.99 12.10 -6.16
CA ASN B 126 16.12 12.66 -7.50
C ASN B 126 14.78 13.10 -8.08
N GLY B 127 13.80 13.38 -7.21
CA GLY B 127 12.52 13.86 -7.70
C GLY B 127 12.63 15.13 -8.52
N ASP B 128 13.54 16.04 -8.16
CA ASP B 128 13.59 17.31 -8.88
C ASP B 128 13.99 17.13 -10.34
N ARG B 129 14.87 16.16 -10.63
CA ARG B 129 15.33 15.93 -11.99
C ARG B 129 14.58 14.82 -12.72
N TYR B 130 13.82 14.00 -12.02
CA TYR B 130 13.16 12.90 -12.71
C TYR B 130 11.70 12.68 -12.31
N ASP B 131 11.44 12.21 -11.07
CA ASP B 131 10.10 11.75 -10.70
C ASP B 131 9.09 12.88 -10.81
N PHE B 132 9.42 14.08 -10.31
CA PHE B 132 8.43 15.16 -10.31
C PHE B 132 8.13 15.64 -11.73
N PRO B 133 9.11 15.95 -12.57
CA PRO B 133 8.74 16.33 -13.95
C PRO B 133 7.99 15.24 -14.69
N LEU B 134 8.35 13.96 -14.48
CA LEU B 134 7.64 12.90 -15.17
C LEU B 134 6.20 12.83 -14.70
N LEU B 135 5.99 12.88 -13.38
CA LEU B 135 4.62 12.87 -12.88
C LEU B 135 3.82 14.03 -13.42
N GLN B 136 4.46 15.21 -13.49
CA GLN B 136 3.78 16.38 -14.05
C GLN B 136 3.33 16.11 -15.48
N THR B 137 4.20 15.50 -16.29
CA THR B 137 3.85 15.14 -17.66
C THR B 137 2.70 14.15 -17.72
N GLU B 138 2.76 13.09 -16.89
CA GLU B 138 1.67 12.11 -16.92
C GLU B 138 0.36 12.76 -16.52
N LEU B 139 0.39 13.61 -15.48
CA LEU B 139 -0.84 14.22 -15.02
C LEU B 139 -1.37 15.24 -16.02
N ALA B 140 -0.47 15.90 -16.76
CA ALA B 140 -0.90 16.85 -17.78
C ALA B 140 -1.68 16.20 -18.91
N ARG B 141 -1.47 14.90 -19.15
CA ARG B 141 -2.19 14.22 -20.23
C ARG B 141 -3.67 14.04 -19.93
N LEU B 142 -4.06 14.15 -18.67
CA LEU B 142 -5.42 13.84 -18.24
C LEU B 142 -6.33 15.06 -18.34
N SER B 143 -7.62 14.79 -18.51
CA SER B 143 -8.59 15.87 -18.64
C SER B 143 -8.76 16.62 -17.32
N THR B 144 -8.79 15.89 -16.21
CA THR B 144 -9.10 16.48 -14.92
C THR B 144 -7.92 17.26 -14.37
N PRO B 145 -8.18 18.30 -13.58
CA PRO B 145 -7.08 19.05 -12.95
C PRO B 145 -6.17 18.11 -12.17
N SER B 146 -4.87 18.40 -12.18
CA SER B 146 -3.93 17.53 -11.51
C SER B 146 -4.24 17.45 -10.01
N PRO B 147 -4.34 16.24 -9.45
CA PRO B 147 -4.56 16.14 -8.00
C PRO B 147 -3.38 16.59 -7.16
N LEU B 148 -2.23 16.83 -7.76
CA LEU B 148 -1.07 17.30 -7.01
C LEU B 148 -0.97 18.83 -6.95
N ASP B 149 -1.96 19.57 -7.46
CA ASP B 149 -1.72 21.00 -7.67
C ASP B 149 -1.70 21.84 -6.37
N GLY B 150 -2.16 21.31 -5.24
CA GLY B 150 -1.97 21.98 -3.97
C GLY B 150 -0.93 21.34 -3.07
N THR B 151 -0.15 20.41 -3.58
CA THR B 151 0.86 19.67 -2.84
C THR B 151 2.22 20.33 -3.01
N PHE B 152 3.13 20.01 -2.11
CA PHE B 152 4.48 20.53 -2.18
C PHE B 152 5.44 19.38 -2.45
N CYS B 153 6.70 19.70 -2.73
CA CYS B 153 7.64 18.62 -2.98
C CYS B 153 9.05 19.07 -2.64
N VAL B 154 9.89 18.06 -2.32
CA VAL B 154 11.32 18.26 -2.11
C VAL B 154 12.05 17.02 -2.62
N ASP B 155 13.33 17.20 -2.87
CA ASP B 155 14.21 16.13 -3.35
C ASP B 155 15.09 15.67 -2.18
N SER B 156 15.03 14.37 -1.87
CA SER B 156 15.77 13.87 -0.72
C SER B 156 17.29 13.80 -0.94
N ILE B 157 17.77 13.87 -2.19
CA ILE B 157 19.21 13.99 -2.39
C ILE B 157 19.71 15.27 -1.73
N ALA B 158 19.05 16.39 -2.02
CA ALA B 158 19.39 17.66 -1.39
C ALA B 158 19.27 17.56 0.13
N ALA B 159 18.21 16.93 0.61
CA ALA B 159 18.01 16.82 2.06
C ALA B 159 19.17 16.08 2.71
N LEU B 160 19.54 14.91 2.17
CA LEU B 160 20.58 14.14 2.83
C LEU B 160 21.95 14.80 2.68
N LYS B 161 22.21 15.52 1.58
CA LYS B 161 23.44 16.30 1.51
C LYS B 161 23.48 17.35 2.61
N ALA B 162 22.34 18.00 2.89
CA ALA B 162 22.32 18.98 3.96
C ALA B 162 22.48 18.31 5.33
N LEU B 163 21.87 17.13 5.52
CA LEU B 163 21.90 16.50 6.84
C LEU B 163 23.24 15.88 7.17
N GLU B 164 23.94 15.37 6.18
CA GLU B 164 25.25 14.75 6.40
C GLU B 164 26.35 15.74 6.66
N GLN B 165 26.09 17.05 6.59
CA GLN B 165 27.03 18.02 7.11
C GLN B 165 27.09 17.98 8.64
N LYS B 176 31.64 10.81 -1.88
CA LYS B 176 30.35 10.33 -1.39
C LYS B 176 29.32 10.17 -2.51
N SER B 177 28.83 8.94 -2.68
CA SER B 177 27.68 8.72 -3.56
C SER B 177 26.39 9.08 -2.83
N TYR B 178 25.45 9.68 -3.58
CA TYR B 178 24.12 9.93 -3.04
C TYR B 178 23.05 9.05 -3.69
N SER B 179 23.46 7.90 -4.23
CA SER B 179 22.49 6.88 -4.55
C SER B 179 21.79 6.44 -3.25
N LEU B 180 20.54 6.03 -3.39
CA LEU B 180 19.76 5.63 -2.23
C LEU B 180 20.48 4.55 -1.43
N GLY B 181 20.96 3.51 -2.12
CA GLY B 181 21.60 2.40 -1.42
C GLY B 181 22.90 2.82 -0.75
N SER B 182 23.68 3.67 -1.40
CA SER B 182 24.93 4.12 -0.79
C SER B 182 24.68 4.93 0.48
N ILE B 183 23.68 5.81 0.47
CA ILE B 183 23.35 6.57 1.67
C ILE B 183 22.94 5.65 2.81
N TYR B 184 22.05 4.70 2.49
CA TYR B 184 21.56 3.78 3.52
C TYR B 184 22.70 3.03 4.18
N THR B 185 23.66 2.54 3.36
CA THR B 185 24.76 1.80 3.95
C THR B 185 25.68 2.72 4.72
N ARG B 186 25.88 3.95 4.21
CA ARG B 186 26.72 4.91 4.93
C ARG B 186 26.13 5.25 6.30
N LEU B 187 24.80 5.34 6.40
CA LEU B 187 24.15 5.69 7.66
C LEU B 187 24.03 4.49 8.59
N TYR B 188 23.69 3.33 8.03
CA TYR B 188 23.29 2.20 8.84
C TYR B 188 24.29 1.05 8.79
N TRP B 189 25.24 1.08 7.86
CA TRP B 189 26.34 0.12 7.82
C TRP B 189 25.83 -1.31 7.66
N GLN B 190 24.75 -1.44 6.89
CA GLN B 190 24.31 -2.73 6.41
C GLN B 190 23.69 -2.53 5.04
N ALA B 191 23.59 -3.62 4.27
CA ALA B 191 23.10 -3.51 2.91
C ALA B 191 21.60 -3.23 2.92
N PRO B 192 21.11 -2.47 1.95
CA PRO B 192 19.68 -2.19 1.85
C PRO B 192 18.93 -3.40 1.32
N THR B 193 17.61 -3.35 1.49
CA THR B 193 16.72 -4.44 1.07
C THR B 193 16.00 -4.06 -0.23
N ASP B 194 16.04 -4.96 -1.21
CA ASP B 194 15.29 -4.86 -2.47
C ASP B 194 15.67 -3.61 -3.26
N SER B 195 16.97 -3.44 -3.49
CA SER B 195 17.51 -2.26 -4.17
C SER B 195 16.99 -2.13 -5.60
N HIS B 196 16.87 -0.88 -6.06
CA HIS B 196 16.58 -0.56 -7.45
C HIS B 196 15.19 -1.02 -7.90
N THR B 197 14.29 -1.24 -6.94
CA THR B 197 12.86 -1.39 -7.19
C THR B 197 12.13 -0.28 -6.45
N ALA B 198 11.08 0.27 -7.06
CA ALA B 198 10.26 1.31 -6.41
C ALA B 198 9.70 0.83 -5.07
N LYS B 199 9.25 -0.43 -5.01
CA LYS B 199 8.68 -0.95 -3.77
C LYS B 199 9.72 -0.94 -2.64
N GLY B 200 10.92 -1.40 -2.93
CA GLY B 200 11.94 -1.51 -1.90
C GLY B 200 12.53 -0.16 -1.59
N ASP B 201 12.73 0.64 -2.64
CA ASP B 201 13.47 1.87 -2.47
C ASP B 201 12.65 2.90 -1.71
N VAL B 202 11.32 2.83 -1.80
CA VAL B 202 10.54 3.82 -1.05
C VAL B 202 10.67 3.56 0.44
N LEU B 203 10.81 2.29 0.83
CA LEU B 203 11.01 1.98 2.23
C LEU B 203 12.41 2.34 2.68
N THR B 204 13.40 2.11 1.82
CA THR B 204 14.76 2.56 2.09
C THR B 204 14.83 4.08 2.25
N LEU B 205 14.09 4.79 1.39
CA LEU B 205 14.02 6.24 1.48
C LEU B 205 13.48 6.67 2.85
N LEU B 206 12.35 6.08 3.25
CA LEU B 206 11.79 6.37 4.57
C LEU B 206 12.83 6.14 5.66
N SER B 207 13.51 4.98 5.64
CA SER B 207 14.53 4.70 6.64
C SER B 207 15.60 5.79 6.68
N ILE B 208 16.09 6.20 5.51
CA ILE B 208 17.11 7.24 5.47
C ILE B 208 16.57 8.54 6.04
N CYS B 209 15.29 8.85 5.77
CA CYS B 209 14.72 10.08 6.32
C CYS B 209 14.41 9.98 7.81
N GLN B 210 14.40 8.78 8.38
CA GLN B 210 14.23 8.64 9.83
C GLN B 210 15.54 8.65 10.59
N TRP B 211 16.67 8.76 9.90
CA TRP B 211 17.98 8.83 10.56
C TRP B 211 18.06 9.98 11.56
N LYS B 212 17.71 11.18 11.10
CA LYS B 212 17.64 12.39 11.93
C LYS B 212 16.29 13.01 11.64
N PRO B 213 15.22 12.48 12.22
CA PRO B 213 13.88 12.85 11.74
C PRO B 213 13.51 14.29 12.01
N GLN B 214 13.90 14.85 13.17
CA GLN B 214 13.61 16.25 13.42
C GLN B 214 14.36 17.13 12.43
N ALA B 215 15.64 16.82 12.20
CA ALA B 215 16.43 17.61 11.26
C ALA B 215 15.90 17.48 9.84
N LEU B 216 15.46 16.28 9.46
CA LEU B 216 14.87 16.11 8.14
C LEU B 216 13.61 16.96 7.99
N LEU B 217 12.73 16.94 9.00
CA LEU B 217 11.49 17.71 8.92
C LEU B 217 11.76 19.20 8.77
N GLN B 218 12.72 19.71 9.55
CA GLN B 218 13.11 21.11 9.45
C GLN B 218 13.63 21.45 8.07
N TRP B 219 14.47 20.59 7.50
CA TRP B 219 14.96 20.88 6.15
C TRP B 219 13.81 20.86 5.15
N VAL B 220 12.91 19.89 5.28
CA VAL B 220 11.76 19.82 4.38
C VAL B 220 10.90 21.08 4.49
N ASP B 221 10.53 21.47 5.72
CA ASP B 221 9.79 22.73 5.93
C ASP B 221 10.49 23.90 5.26
N GLU B 222 11.82 23.95 5.36
CA GLU B 222 12.54 25.10 4.85
C GLU B 222 12.66 25.11 3.33
N HIS B 223 12.53 23.94 2.66
CA HIS B 223 12.83 23.81 1.23
C HIS B 223 11.65 23.35 0.39
N ALA B 224 10.50 23.04 1.00
CA ALA B 224 9.32 22.63 0.25
C ALA B 224 8.95 23.68 -0.79
N ARG B 225 8.52 23.20 -1.96
CA ARG B 225 8.06 24.13 -2.98
C ARG B 225 6.82 23.54 -3.63
N PRO B 226 5.96 24.38 -4.22
CA PRO B 226 4.70 23.89 -4.78
C PRO B 226 4.96 22.96 -5.95
N PHE B 227 4.30 21.79 -5.92
CA PHE B 227 4.42 20.90 -7.06
C PHE B 227 3.96 21.57 -8.35
N SER B 228 3.04 22.54 -8.26
CA SER B 228 2.58 23.26 -9.45
C SER B 228 3.70 24.01 -10.15
N THR B 229 4.82 24.27 -9.47
CA THR B 229 5.94 24.95 -10.12
C THR B 229 6.87 23.98 -10.84
N VAL B 230 6.62 22.67 -10.77
CA VAL B 230 7.47 21.68 -11.42
C VAL B 230 7.20 21.71 -12.92
N LYS B 231 8.27 21.83 -13.70
CA LYS B 231 8.15 21.82 -15.15
C LYS B 231 7.98 20.39 -15.65
N PRO B 232 7.05 20.13 -16.56
CA PRO B 232 6.94 18.79 -17.15
C PRO B 232 8.25 18.34 -17.78
N MET B 233 8.55 17.05 -17.67
CA MET B 233 9.71 16.50 -18.36
C MET B 233 9.61 16.71 -19.86
N TYR B 234 8.41 16.51 -20.43
CA TYR B 234 8.19 16.71 -21.85
C TYR B 234 6.70 16.97 -22.07
N GLY B 235 6.37 17.46 -23.27
CA GLY B 235 5.01 17.92 -23.53
C GLY B 235 4.35 17.24 -24.70
#